data_5RYQ
#
_entry.id   5RYQ
#
_cell.length_a   38.400
_cell.length_b   77.260
_cell.length_c   99.730
_cell.angle_alpha   90.000
_cell.angle_beta   90.000
_cell.angle_gamma   90.000
#
_symmetry.space_group_name_H-M   'P 21 21 21'
#
loop_
_entity.id
_entity.type
_entity.pdbx_description
1 polymer 'Isoform 2 of Band 4.1-like protein 3'
2 non-polymer N-{[4-(dimethylamino)phenyl]methyl}-4H-1,2,4-triazol-4-amine
3 non-polymer 'DIMETHYL SULFOXIDE'
4 non-polymer 1,2-ETHANEDIOL
5 water water
#
_entity_poly.entity_id   1
_entity_poly.type   'polypeptide(L)'
_entity_poly.pdbx_seq_one_letter_code
;SMPKSMQCKVILLDGSEYTCDVEKRSRGQVLFDKVCEHLNLLEKDYFGLTYRDAENQKNWLDPAKEIKKQVRSGAWHFSF
NVKFYPPDPAQLSEDITRYYLCLQLRDDIVSGRLPCSFVTLALLGSYTVQSELGDYDPDECGSDYISEFRFAPNHTKELE
DKVIELHKSHRGMTPAEAEMHFLENAKKLSMYGVDLHHAKDSEGVEIMLGVCASGLLIYRDRLRINRFAWPKVLKISYKR
NNFYIKIRPGEFEQFESTIGFKLPNHRAAKRLWKVCVEHHTFFRLL
;
_entity_poly.pdbx_strand_id   A
#
# COMPACT_ATOMS: atom_id res chain seq x y z
N PRO A 3 10.04 23.40 26.18
CA PRO A 3 9.19 22.59 25.28
C PRO A 3 9.89 21.28 24.90
N LYS A 4 9.46 20.17 25.51
CA LYS A 4 10.18 18.89 25.41
C LYS A 4 9.83 18.17 24.12
N SER A 5 10.85 17.70 23.40
N SER A 5 10.86 17.77 23.38
CA SER A 5 10.73 17.12 22.04
CA SER A 5 10.74 17.11 22.06
C SER A 5 11.19 15.66 22.02
C SER A 5 10.95 15.61 22.24
N MET A 6 10.49 14.83 21.26
CA MET A 6 10.78 13.38 21.17
C MET A 6 11.43 13.18 19.81
N GLN A 7 12.43 12.33 19.76
CA GLN A 7 13.10 11.98 18.50
C GLN A 7 12.24 10.96 17.73
N CYS A 8 12.01 11.21 16.45
CA CYS A 8 11.26 10.29 15.56
C CYS A 8 12.20 9.72 14.50
N LYS A 9 12.15 8.42 14.27
CA LYS A 9 12.87 7.76 13.16
C LYS A 9 11.84 7.20 12.18
N VAL A 10 11.96 7.61 10.92
CA VAL A 10 11.02 7.22 9.84
C VAL A 10 11.79 6.46 8.78
N ILE A 11 11.40 5.22 8.49
CA ILE A 11 11.96 4.49 7.34
C ILE A 11 11.27 4.99 6.07
N LEU A 12 12.06 5.50 5.15
CA LEU A 12 11.54 6.02 3.86
C LEU A 12 11.47 4.87 2.85
N LEU A 13 10.81 5.11 1.71
CA LEU A 13 10.46 4.05 0.76
C LEU A 13 11.72 3.60 0.02
N ASP A 14 12.79 4.40 0.04
CA ASP A 14 14.09 3.98 -0.56
C ASP A 14 14.91 3.18 0.46
N GLY A 15 14.36 2.99 1.68
CA GLY A 15 14.98 2.16 2.75
C GLY A 15 15.88 2.99 3.64
N SER A 16 16.05 4.28 3.35
CA SER A 16 16.83 5.20 4.22
C SER A 16 16.00 5.62 5.44
N GLU A 17 16.67 6.16 6.44
CA GLU A 17 16.08 6.55 7.74
C GLU A 17 16.12 8.07 7.82
N TYR A 18 14.97 8.70 8.02
CA TYR A 18 14.88 10.13 8.35
C TYR A 18 14.61 10.27 9.84
N THR A 19 15.36 11.16 10.49
CA THR A 19 15.32 11.44 11.94
C THR A 19 14.92 12.90 12.11
N CYS A 20 13.96 13.16 12.97
CA CYS A 20 13.54 14.52 13.34
C CYS A 20 12.97 14.52 14.75
N ASP A 21 12.68 15.70 15.26
CA ASP A 21 12.17 15.89 16.62
C ASP A 21 10.83 16.58 16.49
N VAL A 22 9.87 16.15 17.28
CA VAL A 22 8.61 16.91 17.46
C VAL A 22 8.35 17.13 18.95
N GLU A 23 7.49 18.08 19.27
CA GLU A 23 7.11 18.29 20.69
C GLU A 23 6.35 17.03 21.13
N LYS A 24 6.53 16.59 22.38
CA LYS A 24 6.10 15.23 22.80
C LYS A 24 4.56 15.10 22.75
N ARG A 25 3.80 16.19 22.80
CA ARG A 25 2.31 16.14 22.69
C ARG A 25 1.85 16.41 21.24
N SER A 26 2.76 16.29 20.28
CA SER A 26 2.44 16.53 18.85
C SER A 26 1.40 15.52 18.34
N ARG A 27 0.54 15.98 17.45
CA ARG A 27 -0.39 15.17 16.65
C ARG A 27 0.39 14.56 15.50
N GLY A 28 -0.09 13.45 14.94
CA GLY A 28 0.61 12.75 13.85
C GLY A 28 0.87 13.68 12.66
N GLN A 29 -0.04 14.63 12.40
CA GLN A 29 0.08 15.52 11.21
C GLN A 29 1.42 16.25 11.24
N VAL A 30 1.87 16.64 12.44
CA VAL A 30 3.10 17.45 12.60
C VAL A 30 4.28 16.65 12.02
N LEU A 31 4.47 15.41 12.44
CA LEU A 31 5.53 14.51 11.91
C LEU A 31 5.34 14.26 10.41
N PHE A 32 4.15 13.96 10.00
CA PHE A 32 3.87 13.68 8.58
C PHE A 32 4.28 14.89 7.71
N ASP A 33 3.92 16.09 8.14
CA ASP A 33 4.27 17.33 7.39
C ASP A 33 5.79 17.39 7.27
N LYS A 34 6.52 17.20 8.37
CA LYS A 34 8.01 17.23 8.32
C LYS A 34 8.53 16.20 7.33
N VAL A 35 8.00 14.98 7.34
CA VAL A 35 8.51 13.92 6.43
C VAL A 35 8.22 14.35 4.99
N CYS A 36 7.00 14.77 4.72
CA CYS A 36 6.60 15.16 3.35
C CYS A 36 7.45 16.33 2.85
N GLU A 37 7.72 17.34 3.68
CA GLU A 37 8.62 18.44 3.28
C GLU A 37 9.99 17.85 2.92
N HIS A 38 10.54 17.00 3.77
CA HIS A 38 11.82 16.30 3.50
C HIS A 38 11.78 15.63 2.12
N LEU A 39 10.64 15.04 1.75
CA LEU A 39 10.53 14.23 0.51
C LEU A 39 10.17 15.14 -0.68
N ASN A 40 9.97 16.44 -0.46
CA ASN A 40 9.46 17.39 -1.50
C ASN A 40 8.14 16.85 -2.11
N LEU A 41 7.27 16.34 -1.27
CA LEU A 41 5.99 15.72 -1.66
C LEU A 41 4.84 16.69 -1.37
N LEU A 42 4.11 17.05 -2.43
CA LEU A 42 2.94 17.96 -2.37
C LEU A 42 1.65 17.19 -2.37
N GLU A 43 1.57 16.10 -3.13
CA GLU A 43 0.35 15.28 -3.24
C GLU A 43 0.34 14.32 -2.07
N LYS A 44 0.24 14.86 -0.87
CA LYS A 44 0.43 14.11 0.39
C LYS A 44 -0.79 13.24 0.75
N ASP A 45 -1.96 13.54 0.20
CA ASP A 45 -3.23 12.88 0.59
C ASP A 45 -3.18 11.35 0.41
N TYR A 46 -2.34 10.82 -0.49
CA TYR A 46 -2.29 9.37 -0.80
C TYR A 46 -1.44 8.64 0.23
N PHE A 47 -0.70 9.36 1.09
CA PHE A 47 0.35 8.71 1.92
C PHE A 47 0.00 8.82 3.41
N GLY A 48 0.79 8.14 4.21
CA GLY A 48 0.67 8.09 5.66
C GLY A 48 1.91 7.50 6.28
N LEU A 49 1.91 7.52 7.62
CA LEU A 49 2.95 6.86 8.42
C LEU A 49 2.33 5.68 9.13
N THR A 50 3.11 4.61 9.19
CA THR A 50 2.71 3.45 9.97
C THR A 50 3.67 3.32 11.14
N TYR A 51 3.24 2.60 12.17
CA TYR A 51 4.12 2.09 13.24
C TYR A 51 3.75 0.62 13.52
N ARG A 52 4.53 -0.02 14.38
CA ARG A 52 4.32 -1.41 14.86
C ARG A 52 3.89 -1.36 16.33
N ASP A 53 2.74 -1.96 16.66
CA ASP A 53 2.05 -1.80 17.95
C ASP A 53 2.60 -2.80 18.96
N ALA A 54 1.93 -2.89 20.12
CA ALA A 54 2.29 -3.78 21.24
C ALA A 54 2.21 -5.24 20.78
N GLU A 55 1.27 -5.57 19.90
CA GLU A 55 1.10 -6.94 19.33
C GLU A 55 1.87 -7.05 18.01
N ASN A 56 2.57 -5.97 17.63
CA ASN A 56 3.57 -5.88 16.53
C ASN A 56 2.88 -5.85 15.15
N GLN A 57 1.62 -5.44 15.09
CA GLN A 57 0.88 -5.26 13.82
C GLN A 57 1.27 -3.91 13.21
N LYS A 58 1.02 -3.72 11.92
CA LYS A 58 1.12 -2.40 11.26
C LYS A 58 -0.16 -1.62 11.59
N ASN A 59 -0.01 -0.39 12.04
CA ASN A 59 -1.12 0.54 12.36
C ASN A 59 -0.83 1.87 11.67
N TRP A 60 -1.85 2.47 11.05
CA TRP A 60 -1.72 3.84 10.52
C TRP A 60 -1.62 4.82 11.68
N LEU A 61 -0.65 5.74 11.62
CA LEU A 61 -0.57 6.84 12.60
C LEU A 61 -1.67 7.84 12.24
N ASP A 62 -2.66 8.01 13.14
CA ASP A 62 -3.76 8.98 12.91
C ASP A 62 -3.23 10.40 13.02
N PRO A 63 -3.28 11.18 11.92
CA PRO A 63 -2.68 12.50 11.91
C PRO A 63 -3.40 13.43 12.90
N ALA A 64 -4.65 13.13 13.23
CA ALA A 64 -5.49 13.99 14.09
C ALA A 64 -5.29 13.70 15.57
N LYS A 65 -4.59 12.62 15.93
CA LYS A 65 -4.42 12.20 17.33
C LYS A 65 -2.98 12.39 17.79
N GLU A 66 -2.77 12.56 19.09
CA GLU A 66 -1.40 12.66 19.64
C GLU A 66 -0.60 11.40 19.24
N ILE A 67 0.64 11.58 18.85
CA ILE A 67 1.53 10.44 18.53
C ILE A 67 1.69 9.56 19.77
N LYS A 68 1.85 10.21 20.93
CA LYS A 68 2.10 9.41 22.17
C LYS A 68 0.92 8.52 22.52
N LYS A 69 -0.32 8.92 22.25
CA LYS A 69 -1.52 8.10 22.60
C LYS A 69 -1.69 6.97 21.60
N GLN A 70 -0.85 6.93 20.56
CA GLN A 70 -0.88 5.85 19.56
C GLN A 70 0.29 4.91 19.78
N VAL A 71 1.52 5.40 19.84
CA VAL A 71 2.71 4.52 19.95
C VAL A 71 2.74 3.98 21.40
N ARG A 72 2.08 4.72 22.30
CA ARG A 72 1.86 4.34 23.73
C ARG A 72 3.19 3.93 24.35
N SER A 73 3.42 2.63 24.58
CA SER A 73 4.64 2.14 25.28
C SER A 73 5.80 1.95 24.31
N GLY A 74 5.53 2.00 23.00
CA GLY A 74 6.49 1.63 21.95
C GLY A 74 7.42 2.75 21.55
N ALA A 75 8.42 2.41 20.74
CA ALA A 75 9.44 3.33 20.19
C ALA A 75 8.74 4.28 19.22
N TRP A 76 9.30 5.46 19.07
CA TRP A 76 8.82 6.49 18.09
C TRP A 76 9.52 6.22 16.77
N HIS A 77 9.20 5.07 16.21
CA HIS A 77 9.76 4.52 14.97
C HIS A 77 8.58 4.29 14.02
N PHE A 78 8.72 4.77 12.80
CA PHE A 78 7.60 4.81 11.83
C PHE A 78 8.12 4.40 10.48
N SER A 79 7.20 4.08 9.57
CA SER A 79 7.50 3.93 8.13
C SER A 79 6.63 4.91 7.36
N PHE A 80 7.14 5.40 6.24
CA PHE A 80 6.40 6.24 5.28
C PHE A 80 5.84 5.33 4.20
N ASN A 81 4.53 5.38 3.95
CA ASN A 81 3.88 4.40 3.06
C ASN A 81 2.76 5.05 2.25
N VAL A 82 2.45 4.39 1.15
CA VAL A 82 1.19 4.69 0.41
C VAL A 82 0.04 4.15 1.26
N LYS A 83 -0.96 4.98 1.47
CA LYS A 83 -2.17 4.63 2.24
C LYS A 83 -3.33 4.37 1.27
N PHE A 84 -3.49 5.25 0.29
CA PHE A 84 -4.57 5.18 -0.74
C PHE A 84 -3.93 5.05 -2.11
N TYR A 85 -4.00 3.86 -2.70
CA TYR A 85 -3.35 3.59 -4.00
C TYR A 85 -4.21 4.21 -5.08
N PRO A 86 -3.72 5.22 -5.85
CA PRO A 86 -4.53 5.89 -6.88
C PRO A 86 -4.94 4.90 -7.97
N PRO A 87 -6.22 4.74 -8.32
CA PRO A 87 -6.59 3.76 -9.34
C PRO A 87 -6.06 4.16 -10.73
N ASP A 88 -5.87 5.44 -10.95
CA ASP A 88 -5.27 5.94 -12.22
C ASP A 88 -4.11 6.88 -11.91
N PRO A 89 -2.89 6.32 -11.72
CA PRO A 89 -1.73 7.13 -11.37
C PRO A 89 -1.37 8.18 -12.42
N ALA A 90 -1.78 8.04 -13.68
CA ALA A 90 -1.51 9.08 -14.72
C ALA A 90 -2.21 10.37 -14.35
N GLN A 91 -3.24 10.31 -13.52
CA GLN A 91 -3.99 11.54 -13.16
C GLN A 91 -3.33 12.24 -11.97
N LEU A 92 -2.30 11.66 -11.36
CA LEU A 92 -1.54 12.43 -10.33
C LEU A 92 -0.88 13.65 -10.98
N SER A 93 -0.79 14.75 -10.25
CA SER A 93 -0.30 16.04 -10.80
C SER A 93 1.23 16.04 -10.89
N GLU A 94 1.96 15.30 -10.01
CA GLU A 94 3.44 15.39 -10.05
C GLU A 94 4.11 14.04 -10.29
N ASP A 95 5.21 14.10 -11.05
CA ASP A 95 6.07 12.93 -11.28
C ASP A 95 6.58 12.43 -9.91
N ILE A 96 6.95 13.32 -8.99
CA ILE A 96 7.58 12.84 -7.73
C ILE A 96 6.57 12.00 -6.96
N THR A 97 5.28 12.27 -7.11
CA THR A 97 4.23 11.46 -6.46
C THR A 97 4.26 10.08 -7.07
N ARG A 98 4.34 10.02 -8.40
CA ARG A 98 4.38 8.70 -9.10
C ARG A 98 5.63 7.95 -8.66
N TYR A 99 6.74 8.66 -8.44
CA TYR A 99 8.04 8.05 -8.05
C TYR A 99 7.89 7.33 -6.72
N TYR A 100 7.35 8.00 -5.71
CA TYR A 100 7.13 7.39 -4.38
C TYR A 100 6.16 6.22 -4.52
N LEU A 101 5.10 6.37 -5.35
CA LEU A 101 4.15 5.26 -5.51
C LEU A 101 4.89 4.04 -6.11
N CYS A 102 5.80 4.28 -7.06
CA CYS A 102 6.64 3.20 -7.63
C CYS A 102 7.46 2.55 -6.51
N LEU A 103 8.11 3.34 -5.64
CA LEU A 103 8.96 2.72 -4.59
C LEU A 103 8.07 1.83 -3.73
N GLN A 104 6.86 2.27 -3.39
CA GLN A 104 5.99 1.45 -2.50
C GLN A 104 5.68 0.13 -3.21
N LEU A 105 5.30 0.25 -4.48
CA LEU A 105 4.87 -0.91 -5.27
C LEU A 105 6.03 -1.88 -5.43
N ARG A 106 7.26 -1.38 -5.62
CA ARG A 106 8.43 -2.29 -5.66
C ARG A 106 8.47 -3.13 -4.38
N ASP A 107 8.23 -2.53 -3.22
CA ASP A 107 8.29 -3.27 -1.94
C ASP A 107 7.07 -4.18 -1.80
N ASP A 108 5.92 -3.75 -2.29
CA ASP A 108 4.72 -4.62 -2.35
C ASP A 108 5.04 -5.89 -3.15
N ILE A 109 5.78 -5.76 -4.24
CA ILE A 109 6.12 -6.91 -5.11
C ILE A 109 7.15 -7.79 -4.40
N VAL A 110 8.26 -7.22 -3.94
CA VAL A 110 9.40 -8.00 -3.37
C VAL A 110 8.87 -8.73 -2.14
N SER A 111 7.93 -8.12 -1.42
CA SER A 111 7.38 -8.68 -0.16
C SER A 111 6.38 -9.81 -0.44
N GLY A 112 5.85 -9.93 -1.65
CA GLY A 112 4.79 -10.88 -1.97
C GLY A 112 3.39 -10.38 -1.64
N ARG A 113 3.21 -9.15 -1.15
CA ARG A 113 1.85 -8.56 -0.94
C ARG A 113 1.14 -8.35 -2.28
N LEU A 114 1.90 -8.18 -3.36
CA LEU A 114 1.36 -7.90 -4.71
C LEU A 114 1.85 -8.99 -5.65
N PRO A 115 1.08 -10.09 -5.80
CA PRO A 115 1.51 -11.18 -6.65
C PRO A 115 1.52 -10.69 -8.08
N CYS A 116 2.44 -11.27 -8.85
N CYS A 116 2.57 -11.12 -8.80
CA CYS A 116 2.80 -10.82 -10.20
CA CYS A 116 2.80 -10.84 -10.24
C CYS A 116 3.30 -12.02 -11.00
C CYS A 116 3.14 -12.13 -10.96
N SER A 117 2.84 -12.18 -12.25
CA SER A 117 3.32 -13.22 -13.18
C SER A 117 4.81 -12.98 -13.42
N PHE A 118 5.50 -13.98 -13.94
CA PHE A 118 6.90 -13.87 -14.36
C PHE A 118 7.11 -12.66 -15.29
N VAL A 119 6.32 -12.58 -16.37
CA VAL A 119 6.54 -11.54 -17.39
C VAL A 119 6.28 -10.17 -16.79
N THR A 120 5.26 -10.01 -15.94
CA THR A 120 4.98 -8.69 -15.32
C THR A 120 6.12 -8.36 -14.37
N LEU A 121 6.60 -9.30 -13.56
CA LEU A 121 7.80 -9.05 -12.72
C LEU A 121 8.96 -8.51 -13.57
N ALA A 122 9.24 -9.13 -14.72
CA ALA A 122 10.35 -8.77 -15.63
C ALA A 122 10.10 -7.38 -16.25
N LEU A 123 8.86 -7.12 -16.68
CA LEU A 123 8.51 -5.83 -17.29
C LEU A 123 8.63 -4.71 -16.26
N LEU A 124 8.04 -4.88 -15.07
CA LEU A 124 8.16 -3.90 -13.95
C LEU A 124 9.65 -3.67 -13.66
N GLY A 125 10.41 -4.75 -13.50
CA GLY A 125 11.85 -4.66 -13.28
C GLY A 125 12.55 -3.86 -14.34
N SER A 126 12.23 -4.11 -15.62
CA SER A 126 12.86 -3.43 -16.76
C SER A 126 12.61 -1.91 -16.71
N TYR A 127 11.41 -1.48 -16.33
CA TYR A 127 11.09 -0.03 -16.21
C TYR A 127 11.90 0.57 -15.05
N THR A 128 11.96 -0.11 -13.91
CA THR A 128 12.74 0.34 -12.72
C THR A 128 14.18 0.55 -13.17
N VAL A 129 14.75 -0.43 -13.87
CA VAL A 129 16.17 -0.32 -14.26
C VAL A 129 16.32 0.87 -15.21
N GLN A 130 15.42 1.00 -16.19
CA GLN A 130 15.47 2.12 -17.16
C GLN A 130 15.41 3.47 -16.40
N SER A 131 14.49 3.59 -15.45
N SER A 131 14.53 3.56 -15.40
CA SER A 131 14.35 4.81 -14.62
CA SER A 131 14.30 4.80 -14.60
C SER A 131 15.66 5.08 -13.86
C SER A 131 15.47 5.07 -13.65
N GLU A 132 16.21 4.05 -13.22
CA GLU A 132 17.34 4.21 -12.25
C GLU A 132 18.68 4.34 -12.95
N LEU A 133 18.95 3.55 -13.99
CA LEU A 133 20.28 3.54 -14.66
C LEU A 133 20.22 4.20 -16.03
N GLY A 134 19.05 4.39 -16.61
CA GLY A 134 18.98 4.88 -18.00
C GLY A 134 19.16 3.73 -18.98
N ASP A 135 19.68 4.04 -20.17
CA ASP A 135 19.65 3.10 -21.31
C ASP A 135 20.49 1.87 -21.01
N TYR A 136 20.08 0.75 -21.58
CA TYR A 136 20.82 -0.52 -21.48
C TYR A 136 22.29 -0.30 -21.89
N ASP A 137 23.19 -0.82 -21.07
CA ASP A 137 24.66 -0.81 -21.30
C ASP A 137 25.17 -2.23 -21.19
N PRO A 138 25.64 -2.83 -22.32
CA PRO A 138 26.24 -4.16 -22.30
C PRO A 138 27.48 -4.23 -21.39
N ASP A 139 28.16 -3.11 -21.16
CA ASP A 139 29.40 -3.04 -20.35
C ASP A 139 29.12 -3.45 -18.90
N GLU A 140 27.89 -3.22 -18.40
CA GLU A 140 27.47 -3.52 -17.01
C GLU A 140 26.52 -4.73 -16.98
N CYS A 141 26.84 -5.77 -17.74
CA CYS A 141 25.98 -6.95 -17.92
C CYS A 141 26.58 -7.92 -18.95
N GLY A 142 27.23 -8.98 -18.46
CA GLY A 142 27.55 -10.17 -19.27
C GLY A 142 26.39 -11.14 -19.20
N SER A 143 26.55 -12.33 -19.81
CA SER A 143 25.54 -13.41 -19.80
C SER A 143 25.32 -13.90 -18.35
N ASP A 144 26.15 -13.48 -17.39
CA ASP A 144 26.03 -13.90 -15.96
C ASP A 144 25.55 -12.73 -15.08
N TYR A 145 24.94 -11.70 -15.66
CA TYR A 145 24.51 -10.49 -14.91
C TYR A 145 23.39 -10.78 -13.90
N ILE A 146 23.59 -10.33 -12.66
CA ILE A 146 22.54 -10.24 -11.60
C ILE A 146 22.49 -8.80 -11.06
N SER A 147 21.35 -8.14 -11.20
CA SER A 147 21.13 -6.72 -10.84
C SER A 147 21.13 -6.58 -9.32
N GLU A 148 21.45 -5.38 -8.84
CA GLU A 148 21.38 -5.07 -7.40
C GLU A 148 19.91 -4.88 -7.03
N PHE A 149 19.05 -4.59 -8.01
CA PHE A 149 17.62 -4.32 -7.77
C PHE A 149 16.99 -5.66 -7.41
N ARG A 150 16.27 -5.59 -6.32
CA ARG A 150 15.25 -6.55 -5.88
C ARG A 150 14.01 -6.30 -6.75
N PHE A 151 13.58 -7.33 -7.47
CA PHE A 151 12.45 -7.35 -8.42
C PHE A 151 11.32 -8.25 -7.99
N ALA A 152 11.53 -9.24 -7.10
CA ALA A 152 10.54 -10.33 -6.93
C ALA A 152 10.75 -10.99 -5.59
N PRO A 153 9.74 -11.69 -5.10
CA PRO A 153 9.85 -12.40 -3.84
C PRO A 153 10.89 -13.52 -3.95
N ASN A 154 11.07 -14.07 -5.14
CA ASN A 154 12.13 -15.08 -5.38
C ASN A 154 12.78 -14.82 -6.73
N HIS A 155 14.06 -14.54 -6.69
CA HIS A 155 14.85 -14.22 -7.88
C HIS A 155 15.39 -15.48 -8.52
N THR A 156 15.37 -15.51 -9.84
CA THR A 156 15.96 -16.58 -10.65
C THR A 156 16.82 -15.95 -11.72
N LYS A 157 17.76 -16.74 -12.24
CA LYS A 157 18.55 -16.29 -13.39
C LYS A 157 17.66 -15.96 -14.59
N GLU A 158 16.64 -16.79 -14.83
CA GLU A 158 15.60 -16.58 -15.89
C GLU A 158 15.04 -15.17 -15.79
N LEU A 159 14.63 -14.78 -14.58
CA LEU A 159 13.97 -13.47 -14.36
C LEU A 159 14.99 -12.35 -14.65
N GLU A 160 16.22 -12.51 -14.18
CA GLU A 160 17.28 -11.50 -14.46
C GLU A 160 17.49 -11.33 -15.94
N ASP A 161 17.52 -12.43 -16.70
CA ASP A 161 17.71 -12.39 -18.16
C ASP A 161 16.55 -11.62 -18.81
N LYS A 162 15.34 -11.91 -18.34
CA LYS A 162 14.14 -11.33 -18.97
C LYS A 162 14.11 -9.82 -18.71
N VAL A 163 14.45 -9.38 -17.49
CA VAL A 163 14.62 -7.93 -17.17
C VAL A 163 15.55 -7.29 -18.18
N ILE A 164 16.72 -7.89 -18.41
CA ILE A 164 17.72 -7.31 -19.35
C ILE A 164 17.12 -7.25 -20.76
N GLU A 165 16.46 -8.32 -21.20
CA GLU A 165 15.94 -8.37 -22.58
C GLU A 165 14.96 -7.21 -22.77
N LEU A 166 14.09 -6.97 -21.78
CA LEU A 166 13.06 -5.91 -21.86
C LEU A 166 13.73 -4.55 -21.70
N HIS A 167 14.74 -4.45 -20.85
CA HIS A 167 15.48 -3.18 -20.64
C HIS A 167 16.06 -2.72 -22.00
N LYS A 168 16.58 -3.65 -22.79
CA LYS A 168 17.15 -3.27 -24.11
C LYS A 168 16.11 -2.54 -24.95
N SER A 169 14.83 -2.91 -24.82
CA SER A 169 13.76 -2.36 -25.67
C SER A 169 13.41 -0.92 -25.26
N HIS A 170 13.84 -0.43 -24.09
CA HIS A 170 13.38 0.87 -23.56
C HIS A 170 14.38 2.02 -23.87
N ARG A 171 15.28 1.84 -24.83
CA ARG A 171 16.31 2.90 -25.09
C ARG A 171 15.63 4.24 -25.34
N GLY A 172 16.12 5.29 -24.65
CA GLY A 172 15.72 6.69 -24.82
C GLY A 172 14.54 7.04 -23.93
N MET A 173 14.07 6.10 -23.11
CA MET A 173 12.97 6.35 -22.14
C MET A 173 13.50 7.13 -20.94
N THR A 174 12.80 8.20 -20.56
CA THR A 174 13.18 9.08 -19.44
C THR A 174 12.62 8.48 -18.15
N PRO A 175 13.16 8.88 -16.98
CA PRO A 175 12.72 8.30 -15.72
C PRO A 175 11.22 8.42 -15.51
N ALA A 176 10.65 9.61 -15.73
CA ALA A 176 9.21 9.84 -15.53
C ALA A 176 8.42 8.94 -16.47
N GLU A 177 8.89 8.81 -17.71
CA GLU A 177 8.22 7.95 -18.70
C GLU A 177 8.23 6.47 -18.23
N ALA A 178 9.37 5.98 -17.75
CA ALA A 178 9.54 4.55 -17.37
C ALA A 178 8.67 4.29 -16.12
N GLU A 179 8.64 5.24 -15.20
CA GLU A 179 7.82 5.16 -13.95
C GLU A 179 6.34 5.17 -14.33
N MET A 180 5.94 6.01 -15.29
CA MET A 180 4.53 5.97 -15.74
C MET A 180 4.21 4.59 -16.35
N HIS A 181 5.09 3.99 -17.17
CA HIS A 181 4.85 2.64 -17.72
C HIS A 181 4.80 1.60 -16.59
N PHE A 182 5.66 1.75 -15.61
CA PHE A 182 5.66 0.81 -14.45
C PHE A 182 4.24 0.85 -13.87
N LEU A 183 3.71 2.06 -13.64
CA LEU A 183 2.43 2.21 -12.96
C LEU A 183 1.28 1.72 -13.85
N GLU A 184 1.35 1.96 -15.15
CA GLU A 184 0.27 1.50 -16.08
C GLU A 184 0.14 -0.01 -16.00
N ASN A 185 1.24 -0.74 -15.83
CA ASN A 185 1.19 -2.21 -15.68
C ASN A 185 0.76 -2.61 -14.26
N ALA A 186 1.34 -1.96 -13.24
CA ALA A 186 1.12 -2.41 -11.85
C ALA A 186 -0.36 -2.25 -11.50
N LYS A 187 -0.97 -1.18 -11.97
CA LYS A 187 -2.33 -0.75 -11.53
C LYS A 187 -3.33 -1.81 -11.98
N LYS A 188 -2.95 -2.64 -12.94
CA LYS A 188 -3.89 -3.65 -13.50
C LYS A 188 -3.88 -4.97 -12.72
N LEU A 189 -2.90 -5.17 -11.86
CA LEU A 189 -2.73 -6.43 -11.12
C LEU A 189 -3.90 -6.59 -10.16
N SER A 190 -4.39 -7.81 -10.01
CA SER A 190 -5.66 -8.04 -9.28
C SER A 190 -5.50 -7.64 -7.79
N MET A 191 -4.29 -7.63 -7.22
CA MET A 191 -4.09 -7.26 -5.78
C MET A 191 -3.52 -5.83 -5.64
N TYR A 192 -3.47 -5.05 -6.71
CA TYR A 192 -3.06 -3.63 -6.62
C TYR A 192 -3.92 -2.87 -5.61
N GLY A 193 -3.22 -2.31 -4.64
CA GLY A 193 -3.78 -1.42 -3.61
C GLY A 193 -4.74 -2.15 -2.69
N VAL A 194 -4.65 -3.48 -2.60
CA VAL A 194 -5.58 -4.30 -1.76
C VAL A 194 -4.89 -4.56 -0.44
N ASP A 195 -5.49 -4.07 0.63
CA ASP A 195 -5.04 -4.26 2.04
C ASP A 195 -5.80 -5.49 2.57
N LEU A 196 -5.09 -6.59 2.84
CA LEU A 196 -5.71 -7.90 3.21
C LEU A 196 -5.74 -8.06 4.73
N HIS A 197 -6.89 -8.49 5.24
CA HIS A 197 -7.13 -8.75 6.67
C HIS A 197 -7.65 -10.18 6.82
N HIS A 198 -6.98 -10.99 7.65
CA HIS A 198 -7.44 -12.33 8.06
C HIS A 198 -8.74 -12.21 8.87
N ALA A 199 -9.71 -13.05 8.58
CA ALA A 199 -11.01 -13.09 9.28
C ALA A 199 -11.64 -14.47 9.13
N LYS A 200 -12.73 -14.67 9.86
CA LYS A 200 -13.62 -15.84 9.70
C LYS A 200 -15.00 -15.32 9.35
N ASP A 201 -15.72 -16.07 8.52
CA ASP A 201 -17.11 -15.71 8.19
C ASP A 201 -17.98 -16.21 9.34
N SER A 202 -19.28 -15.96 9.27
CA SER A 202 -20.28 -16.26 10.32
C SER A 202 -20.36 -17.78 10.61
N GLU A 203 -19.67 -18.61 9.84
CA GLU A 203 -19.65 -20.09 10.02
C GLU A 203 -18.30 -20.57 10.55
N GLY A 204 -17.33 -19.67 10.76
CA GLY A 204 -16.00 -19.99 11.30
C GLY A 204 -14.99 -20.34 10.22
N VAL A 205 -15.35 -20.16 8.94
CA VAL A 205 -14.48 -20.49 7.78
C VAL A 205 -13.52 -19.31 7.54
N GLU A 206 -12.23 -19.63 7.44
CA GLU A 206 -11.11 -18.68 7.28
C GLU A 206 -11.27 -18.03 5.92
N ILE A 207 -11.36 -16.72 5.89
CA ILE A 207 -11.43 -15.92 4.65
C ILE A 207 -10.39 -14.82 4.77
N MET A 208 -10.21 -14.04 3.71
CA MET A 208 -9.47 -12.78 3.77
C MET A 208 -10.44 -11.69 3.33
N LEU A 209 -10.37 -10.54 3.98
CA LEU A 209 -11.11 -9.35 3.54
C LEU A 209 -10.13 -8.36 2.89
N GLY A 210 -10.43 -7.84 1.71
CA GLY A 210 -9.49 -6.91 1.07
C GLY A 210 -10.14 -5.56 1.02
N VAL A 211 -9.40 -4.53 1.40
CA VAL A 211 -9.92 -3.16 1.39
C VAL A 211 -9.19 -2.46 0.24
N CYS A 212 -9.93 -1.80 -0.61
CA CYS A 212 -9.30 -1.08 -1.73
C CYS A 212 -10.23 0.01 -2.23
N ALA A 213 -9.80 0.74 -3.25
CA ALA A 213 -10.57 1.85 -3.85
C ALA A 213 -11.99 1.42 -4.25
N SER A 214 -12.14 0.25 -4.84
CA SER A 214 -13.42 -0.08 -5.50
C SER A 214 -14.38 -0.64 -4.44
N GLY A 215 -13.85 -1.16 -3.33
CA GLY A 215 -14.77 -1.66 -2.30
C GLY A 215 -14.12 -2.62 -1.33
N LEU A 216 -14.93 -3.45 -0.75
CA LEU A 216 -14.50 -4.54 0.16
C LEU A 216 -14.60 -5.86 -0.62
N LEU A 217 -13.54 -6.66 -0.59
CA LEU A 217 -13.49 -7.97 -1.27
C LEU A 217 -13.47 -9.04 -0.19
N ILE A 218 -14.12 -10.18 -0.47
CA ILE A 218 -13.97 -11.45 0.31
C ILE A 218 -13.26 -12.47 -0.58
N TYR A 219 -12.32 -13.22 -0.01
CA TYR A 219 -11.50 -14.23 -0.73
C TYR A 219 -11.77 -15.62 -0.13
N ARG A 220 -13.04 -16.03 -0.11
CA ARG A 220 -13.49 -17.34 0.45
C ARG A 220 -12.46 -18.40 0.08
N ASP A 221 -12.56 -18.98 -1.12
CA ASP A 221 -11.61 -20.01 -1.62
C ASP A 221 -11.59 -19.99 -3.15
N ARG A 222 -10.42 -19.72 -3.74
CA ARG A 222 -10.18 -19.63 -5.20
C ARG A 222 -11.50 -19.33 -5.92
N LEU A 223 -12.45 -20.30 -5.90
CA LEU A 223 -13.82 -20.13 -6.44
C LEU A 223 -14.67 -19.36 -5.43
N ARG A 224 -15.34 -18.31 -5.89
CA ARG A 224 -16.29 -17.50 -5.08
C ARG A 224 -15.50 -16.39 -4.36
N ILE A 225 -15.29 -15.28 -5.07
CA ILE A 225 -14.77 -13.99 -4.52
C ILE A 225 -15.93 -12.99 -4.55
N ASN A 226 -16.51 -12.71 -3.38
CA ASN A 226 -17.55 -11.68 -3.17
C ASN A 226 -16.87 -10.31 -3.22
N ARG A 227 -17.53 -9.31 -3.81
CA ARG A 227 -17.06 -7.90 -3.81
C ARG A 227 -18.25 -6.98 -3.57
N PHE A 228 -18.07 -6.01 -2.68
CA PHE A 228 -19.09 -5.00 -2.33
C PHE A 228 -18.52 -3.63 -2.69
N ALA A 229 -18.94 -3.10 -3.85
CA ALA A 229 -18.60 -1.74 -4.29
C ALA A 229 -18.99 -0.78 -3.16
N TRP A 230 -18.16 0.21 -2.87
CA TRP A 230 -18.37 1.10 -1.71
C TRP A 230 -19.80 1.65 -1.73
N PRO A 231 -20.36 2.09 -2.88
CA PRO A 231 -21.73 2.63 -2.87
C PRO A 231 -22.75 1.65 -2.25
N LYS A 232 -22.52 0.34 -2.36
CA LYS A 232 -23.41 -0.70 -1.80
C LYS A 232 -23.23 -0.84 -0.26
N VAL A 233 -22.32 -0.08 0.37
CA VAL A 233 -22.01 -0.15 1.84
C VAL A 233 -22.49 1.12 2.55
N LEU A 234 -23.48 1.03 3.45
CA LEU A 234 -24.05 2.23 4.14
C LEU A 234 -23.43 2.46 5.52
N LYS A 235 -23.09 1.39 6.23
CA LYS A 235 -22.50 1.49 7.58
C LYS A 235 -21.51 0.34 7.75
N ILE A 236 -20.40 0.70 8.37
CA ILE A 236 -19.31 -0.24 8.76
C ILE A 236 -19.25 -0.15 10.28
N SER A 237 -19.22 -1.27 10.97
CA SER A 237 -19.17 -1.23 12.45
C SER A 237 -18.35 -2.37 13.00
N TYR A 238 -17.94 -2.23 14.24
CA TYR A 238 -17.25 -3.32 14.94
C TYR A 238 -17.85 -3.44 16.34
N LYS A 239 -17.79 -4.64 16.87
CA LYS A 239 -18.19 -4.84 18.28
C LYS A 239 -17.44 -6.05 18.78
N ARG A 240 -16.71 -5.89 19.89
CA ARG A 240 -15.82 -6.94 20.45
C ARG A 240 -14.89 -7.38 19.31
N ASN A 241 -14.91 -8.66 18.94
CA ASN A 241 -13.98 -9.20 17.91
C ASN A 241 -14.66 -9.24 16.55
N ASN A 242 -15.81 -8.59 16.42
CA ASN A 242 -16.66 -8.75 15.23
C ASN A 242 -16.68 -7.47 14.41
N PHE A 243 -16.73 -7.67 13.09
CA PHE A 243 -16.80 -6.57 12.11
C PHE A 243 -18.03 -6.85 11.27
N TYR A 244 -18.87 -5.82 11.10
CA TYR A 244 -20.16 -5.90 10.35
C TYR A 244 -20.17 -4.86 9.23
N ILE A 245 -20.70 -5.22 8.07
CA ILE A 245 -21.03 -4.16 7.06
C ILE A 245 -22.53 -4.21 6.78
N LYS A 246 -23.16 -3.03 6.74
CA LYS A 246 -24.59 -2.84 6.39
C LYS A 246 -24.68 -2.57 4.87
N ILE A 247 -25.09 -3.60 4.11
CA ILE A 247 -25.23 -3.58 2.62
C ILE A 247 -26.58 -2.93 2.26
N ARG A 248 -26.58 -2.01 1.31
CA ARG A 248 -27.79 -1.24 0.89
C ARG A 248 -28.82 -2.23 0.36
N PRO A 249 -30.13 -1.95 0.56
CA PRO A 249 -31.17 -2.81 0.00
C PRO A 249 -31.11 -2.77 -1.53
N GLY A 250 -31.03 -3.93 -2.18
CA GLY A 250 -31.17 -4.06 -3.64
C GLY A 250 -32.51 -3.47 -4.09
N GLU A 251 -32.63 -3.14 -5.38
CA GLU A 251 -33.91 -2.59 -5.93
C GLU A 251 -35.10 -3.48 -5.54
N PHE A 252 -36.16 -2.86 -5.01
CA PHE A 252 -37.42 -3.55 -4.66
C PHE A 252 -37.24 -4.44 -3.43
N GLU A 253 -36.09 -4.46 -2.75
CA GLU A 253 -35.98 -5.26 -1.49
C GLU A 253 -36.40 -4.37 -0.33
N GLN A 254 -36.99 -4.93 0.73
CA GLN A 254 -37.59 -4.12 1.82
C GLN A 254 -36.47 -3.69 2.78
N PHE A 255 -35.46 -4.55 2.99
CA PHE A 255 -34.51 -4.40 4.12
C PHE A 255 -33.06 -4.36 3.67
N GLU A 256 -32.30 -3.43 4.26
CA GLU A 256 -30.82 -3.43 4.30
C GLU A 256 -30.37 -4.83 4.73
N SER A 257 -29.13 -5.23 4.47
CA SER A 257 -28.67 -6.57 4.93
C SER A 257 -27.31 -6.41 5.63
N THR A 258 -27.11 -7.13 6.73
CA THR A 258 -25.92 -6.98 7.60
C THR A 258 -25.06 -8.22 7.37
N ILE A 259 -23.75 -8.06 7.17
CA ILE A 259 -22.84 -9.23 6.99
C ILE A 259 -21.75 -9.14 8.05
N GLY A 260 -21.50 -10.28 8.71
CA GLY A 260 -20.71 -10.38 9.95
C GLY A 260 -19.46 -11.19 9.78
N PHE A 261 -18.35 -10.69 10.38
CA PHE A 261 -17.05 -11.38 10.35
C PHE A 261 -16.41 -11.38 11.74
N LYS A 262 -15.65 -12.43 11.99
CA LYS A 262 -14.88 -12.62 13.25
C LYS A 262 -13.43 -12.27 12.95
N LEU A 263 -12.89 -11.33 13.70
CA LEU A 263 -11.45 -10.97 13.57
C LEU A 263 -10.70 -11.60 14.73
N PRO A 264 -9.36 -11.71 14.60
CA PRO A 264 -8.50 -12.37 15.60
C PRO A 264 -8.69 -11.84 17.04
N ASN A 265 -8.96 -10.55 17.18
CA ASN A 265 -9.09 -9.83 18.47
C ASN A 265 -9.77 -8.48 18.20
N HIS A 266 -10.05 -7.74 19.26
CA HIS A 266 -10.81 -6.48 19.20
C HIS A 266 -10.00 -5.43 18.42
N ARG A 267 -8.69 -5.43 18.61
CA ARG A 267 -7.82 -4.40 17.99
C ARG A 267 -7.86 -4.61 16.48
N ALA A 268 -7.82 -5.87 16.04
CA ALA A 268 -7.86 -6.22 14.60
C ALA A 268 -9.21 -5.83 14.02
N ALA A 269 -10.31 -5.95 14.76
CA ALA A 269 -11.63 -5.54 14.25
C ALA A 269 -11.65 -4.00 14.14
N LYS A 270 -11.14 -3.28 15.13
CA LYS A 270 -11.15 -1.81 15.11
C LYS A 270 -10.30 -1.31 13.92
N ARG A 271 -9.14 -1.90 13.72
CA ARG A 271 -8.18 -1.56 12.64
C ARG A 271 -8.88 -1.74 11.29
N LEU A 272 -9.55 -2.87 11.11
CA LEU A 272 -10.24 -3.14 9.82
C LEU A 272 -11.34 -2.10 9.64
N TRP A 273 -12.12 -1.83 10.69
CA TRP A 273 -13.20 -0.81 10.64
C TRP A 273 -12.60 0.53 10.17
N LYS A 274 -11.51 0.95 10.76
CA LYS A 274 -10.95 2.31 10.51
C LYS A 274 -10.45 2.41 9.07
N VAL A 275 -9.73 1.40 8.58
CA VAL A 275 -9.25 1.42 7.17
C VAL A 275 -10.44 1.40 6.22
N CYS A 276 -11.52 0.68 6.51
CA CYS A 276 -12.70 0.66 5.62
C CYS A 276 -13.34 2.07 5.57
N VAL A 277 -13.60 2.67 6.73
CA VAL A 277 -14.16 4.06 6.81
C VAL A 277 -13.31 5.03 5.99
N GLU A 278 -11.98 4.96 6.15
CA GLU A 278 -11.06 5.89 5.46
C GLU A 278 -11.15 5.66 3.94
N HIS A 279 -11.18 4.40 3.49
CA HIS A 279 -11.22 4.06 2.04
C HIS A 279 -12.57 4.43 1.43
N HIS A 280 -13.65 4.35 2.20
CA HIS A 280 -15.00 4.73 1.70
C HIS A 280 -15.03 6.25 1.44
N THR A 281 -14.47 7.04 2.37
CA THR A 281 -14.41 8.52 2.23
C THR A 281 -13.51 8.88 1.05
N PHE A 282 -12.28 8.34 1.01
CA PHE A 282 -11.32 8.58 -0.08
C PHE A 282 -12.03 8.40 -1.42
N PHE A 283 -12.61 7.21 -1.64
CA PHE A 283 -13.21 6.82 -2.94
C PHE A 283 -14.45 7.68 -3.23
N ARG A 284 -15.18 8.09 -2.20
CA ARG A 284 -16.37 8.98 -2.31
C ARG A 284 -15.98 10.37 -2.85
N LEU A 285 -14.72 10.81 -2.64
CA LEU A 285 -14.23 12.13 -3.11
C LEU A 285 -13.44 11.98 -4.41
N LEU A 286 -13.56 10.82 -5.08
CA LEU A 286 -12.99 10.54 -6.42
C LEU A 286 -14.09 10.78 -7.47
#